data_8OV7
#
_entry.id   8OV7
#
_cell.length_a   111.645
_cell.length_b   111.645
_cell.length_c   130.432
_cell.angle_alpha   90
_cell.angle_beta   90
_cell.angle_gamma   90
#
_symmetry.space_group_name_H-M   'P 41 21 2'
#
loop_
_entity.id
_entity.type
_entity.pdbx_description
1 polymer 'Hepatocyte growth factor receptor'
2 non-polymer 5-[3,5-bis(fluoranyl)phenyl]-1-[(1S)-1-[3-(1H-imidazol-5-yl)phenyl]ethyl]pyrimidine-2,4-dione
3 water water
#
_entity_poly.entity_id   1
_entity_poly.type   'polypeptide(L)'
_entity_poly.pdbx_seq_one_letter_code
;GDSDISSPLLQNTVHIDLSALNPELVQAVQHVVIGPSSLIVHFNEVIGRGHFGCVYHGTLLDNDGKKIHCAVKSLNRITD
IGEVSQFLTEGIIMKDFSHPNVLSLLGICLRSEGSPLVVLPYMKHGDLRNFIRNETHNPTVKDLIGFGLQVAKGMKYLAS
KKFVHRDLAARNCMLDEKFTVKVADFGLARVMYDKEYYSVHNKTGAKLPVKWMALESLQTQKFTTKSDVWSFGVLLWELM
TRGAPPYPDVNTFDITVYLLQGRRLLQPEYCPDPLYEVMLKCWHPKAEMRPSFSELVSRISAIFSTFIG
;
_entity_poly.pdbx_strand_id   A
#
loop_
_chem_comp.id
_chem_comp.type
_chem_comp.name
_chem_comp.formula
W3W non-polymer 5-[3,5-bis(fluoranyl)phenyl]-1-[(1S)-1-[3-(1H-imidazol-5-yl)phenyl]ethyl]pyrimidine-2,4-dione 'C21 H16 F2 N4 O2'
#
# COMPACT_ATOMS: atom_id res chain seq x y z
N VAL A 14 4.56 14.31 -22.60
CA VAL A 14 3.15 14.10 -22.28
C VAL A 14 2.54 15.41 -21.80
N HIS A 15 1.45 15.86 -22.45
CA HIS A 15 0.78 17.10 -22.11
C HIS A 15 -0.68 16.84 -21.75
N ILE A 16 -1.16 17.51 -20.71
CA ILE A 16 -2.54 17.33 -20.26
C ILE A 16 -3.35 18.55 -20.56
N ASP A 17 -4.52 18.35 -21.17
CA ASP A 17 -5.41 19.45 -21.43
C ASP A 17 -6.20 19.77 -20.15
N LEU A 18 -5.78 20.80 -19.41
CA LEU A 18 -6.49 21.21 -18.20
C LEU A 18 -7.92 21.63 -18.49
N SER A 19 -8.20 22.17 -19.70
CA SER A 19 -9.54 22.58 -20.05
C SER A 19 -10.52 21.39 -20.26
N ALA A 20 -10.00 20.16 -20.37
CA ALA A 20 -10.87 18.97 -20.49
C ALA A 20 -11.33 18.46 -19.11
N LEU A 21 -10.80 19.02 -18.03
CA LEU A 21 -11.16 18.67 -16.67
C LEU A 21 -12.29 19.60 -16.20
N ASN A 22 -13.07 19.16 -15.23
CA ASN A 22 -14.12 19.97 -14.62
C ASN A 22 -13.43 21.14 -13.91
N PRO A 23 -13.71 22.39 -14.33
CA PRO A 23 -13.05 23.55 -13.69
C PRO A 23 -13.21 23.62 -12.18
N GLU A 24 -14.32 23.14 -11.64
CA GLU A 24 -14.55 23.13 -10.18
C GLU A 24 -13.50 22.24 -9.49
N LEU A 25 -13.19 21.08 -10.08
CA LEU A 25 -12.19 20.15 -9.54
C LEU A 25 -10.79 20.76 -9.61
N VAL A 26 -10.48 21.42 -10.74
CA VAL A 26 -9.19 22.08 -10.93
C VAL A 26 -8.95 23.15 -9.85
N GLN A 27 -10.00 23.92 -9.48
CA GLN A 27 -9.81 24.93 -8.43
C GLN A 27 -9.70 24.31 -7.04
N ALA A 28 -10.51 23.27 -6.77
CA ALA A 28 -10.53 22.54 -5.48
C ALA A 28 -9.23 21.83 -5.11
N VAL A 29 -8.37 21.55 -6.08
CA VAL A 29 -7.11 20.86 -5.83
C VAL A 29 -5.90 21.84 -5.70
N GLN A 30 -6.11 23.16 -5.87
CA GLN A 30 -5.00 24.12 -5.88
C GLN A 30 -4.12 24.08 -4.61
N HIS A 31 -4.70 23.76 -3.44
CA HIS A 31 -3.91 23.64 -2.21
C HIS A 31 -2.94 22.46 -2.20
N VAL A 32 -3.15 21.47 -3.08
CA VAL A 32 -2.28 20.26 -3.21
C VAL A 32 -1.15 20.49 -4.24
N VAL A 33 -1.36 21.41 -5.19
CA VAL A 33 -0.47 21.69 -6.29
C VAL A 33 0.85 22.30 -5.84
N ILE A 34 1.94 21.74 -6.36
CA ILE A 34 3.31 22.21 -6.22
C ILE A 34 3.74 22.67 -7.62
N GLY A 35 4.19 23.91 -7.75
CA GLY A 35 4.65 24.43 -9.03
C GLY A 35 5.94 23.78 -9.51
N PRO A 36 6.11 23.64 -10.82
CA PRO A 36 7.35 23.00 -11.33
C PRO A 36 8.65 23.64 -10.85
N SER A 37 8.65 24.98 -10.63
CA SER A 37 9.85 25.70 -10.19
C SER A 37 10.24 25.37 -8.76
N SER A 38 9.31 24.87 -7.93
CA SER A 38 9.61 24.47 -6.56
C SER A 38 10.16 23.03 -6.47
N LEU A 39 10.25 22.28 -7.59
CA LEU A 39 10.67 20.89 -7.53
C LEU A 39 11.69 20.49 -8.57
N ILE A 40 12.72 19.77 -8.13
CA ILE A 40 13.73 19.21 -9.01
C ILE A 40 13.64 17.68 -8.91
N VAL A 41 13.47 17.01 -10.04
CA VAL A 41 13.34 15.56 -10.05
C VAL A 41 14.66 14.97 -10.55
N HIS A 42 15.20 13.98 -9.84
CA HIS A 42 16.43 13.33 -10.26
C HIS A 42 16.05 12.05 -11.01
N PHE A 43 15.79 12.19 -12.32
CA PHE A 43 15.35 11.10 -13.19
C PHE A 43 16.34 9.94 -13.35
N ASN A 44 17.63 10.17 -13.04
CA ASN A 44 18.61 9.08 -13.06
C ASN A 44 18.80 8.43 -11.66
N GLU A 45 18.01 8.83 -10.65
CA GLU A 45 18.12 8.25 -9.31
C GLU A 45 16.80 7.55 -8.93
N VAL A 46 16.63 6.32 -9.43
CA VAL A 46 15.42 5.52 -9.26
C VAL A 46 15.32 4.86 -7.90
N ILE A 47 14.26 5.16 -7.17
CA ILE A 47 13.95 4.57 -5.88
C ILE A 47 13.21 3.23 -6.08
N GLY A 48 12.30 3.19 -7.05
CA GLY A 48 11.54 1.99 -7.36
C GLY A 48 10.90 2.06 -8.73
N ARG A 49 10.93 0.97 -9.51
CA ARG A 49 10.33 0.95 -10.84
C ARG A 49 9.01 0.21 -10.81
N GLY A 50 7.96 0.83 -11.34
CA GLY A 50 6.64 0.22 -11.31
C GLY A 50 5.83 0.33 -12.59
N HIS A 51 4.84 -0.57 -12.71
CA HIS A 51 3.93 -0.67 -13.84
C HIS A 51 3.24 0.65 -14.17
N PHE A 52 2.76 1.37 -13.16
CA PHE A 52 2.07 2.65 -13.40
C PHE A 52 2.92 3.90 -13.24
N GLY A 53 4.23 3.74 -13.10
CA GLY A 53 5.13 4.86 -12.92
C GLY A 53 6.24 4.60 -11.93
N CYS A 54 7.35 5.28 -12.11
CA CYS A 54 8.51 5.12 -11.26
C CYS A 54 8.62 6.15 -10.16
N VAL A 55 9.36 5.83 -9.12
CA VAL A 55 9.63 6.72 -8.01
C VAL A 55 11.10 7.12 -8.11
N TYR A 56 11.38 8.41 -8.04
CA TYR A 56 12.72 8.98 -8.14
C TYR A 56 13.04 9.82 -6.92
N HIS A 57 14.34 10.08 -6.69
CA HIS A 57 14.74 11.03 -5.66
C HIS A 57 14.36 12.42 -6.20
N GLY A 58 14.02 13.31 -5.29
CA GLY A 58 13.66 14.67 -5.66
C GLY A 58 14.09 15.67 -4.60
N THR A 59 14.03 16.94 -4.96
CA THR A 59 14.36 18.03 -4.05
C THR A 59 13.24 19.04 -4.17
N LEU A 60 12.62 19.37 -3.05
CA LEU A 60 11.50 20.31 -2.99
C LEU A 60 11.92 21.58 -2.27
N LEU A 61 11.39 22.73 -2.68
CA LEU A 61 11.63 24.00 -2.02
C LEU A 61 10.34 24.37 -1.28
N ASP A 62 10.43 24.48 0.05
CA ASP A 62 9.33 24.82 0.96
C ASP A 62 8.53 26.05 0.51
N LYS A 67 14.74 23.66 1.43
CA LYS A 67 15.30 22.49 0.76
C LYS A 67 14.93 21.20 1.47
N ILE A 68 14.07 20.38 0.85
CA ILE A 68 13.57 19.12 1.39
C ILE A 68 13.87 17.97 0.44
N HIS A 69 14.49 16.88 0.94
CA HIS A 69 14.71 15.68 0.15
C HIS A 69 13.35 14.97 0.12
N CYS A 70 12.89 14.59 -1.07
CA CYS A 70 11.60 13.93 -1.22
C CYS A 70 11.67 12.77 -2.25
N ALA A 71 10.55 12.07 -2.41
CA ALA A 71 10.37 11.01 -3.38
C ALA A 71 9.32 11.53 -4.37
N VAL A 72 9.58 11.37 -5.66
CA VAL A 72 8.71 11.87 -6.71
C VAL A 72 8.28 10.70 -7.54
N LYS A 73 7.00 10.51 -7.61
CA LYS A 73 6.40 9.42 -8.33
C LYS A 73 5.77 9.90 -9.62
N SER A 74 6.27 9.45 -10.76
CA SER A 74 5.70 9.79 -12.05
C SER A 74 4.53 8.84 -12.32
N LEU A 75 3.58 9.25 -13.15
CA LEU A 75 2.43 8.43 -13.50
C LEU A 75 2.58 8.12 -14.97
N ASN A 76 3.14 6.97 -15.27
CA ASN A 76 3.47 6.54 -16.63
C ASN A 76 2.31 6.10 -17.54
N ARG A 77 1.49 5.13 -17.12
CA ARG A 77 0.47 4.56 -18.00
C ARG A 77 -0.89 5.25 -17.97
N ILE A 78 -0.90 6.54 -17.64
CA ILE A 78 -2.15 7.29 -17.62
C ILE A 78 -2.44 7.70 -19.07
N THR A 79 -3.58 7.26 -19.60
CA THR A 79 -3.93 7.51 -20.98
C THR A 79 -5.14 8.44 -21.21
N ASP A 80 -6.12 8.51 -20.26
CA ASP A 80 -7.29 9.37 -20.50
C ASP A 80 -7.56 10.41 -19.40
N ILE A 81 -8.34 11.46 -19.74
CA ILE A 81 -8.65 12.55 -18.85
C ILE A 81 -9.47 12.11 -17.61
N GLY A 82 -10.20 11.00 -17.70
CA GLY A 82 -10.93 10.45 -16.57
C GLY A 82 -9.98 9.95 -15.49
N GLU A 83 -8.82 9.40 -15.91
CA GLU A 83 -7.82 8.94 -14.94
C GLU A 83 -7.16 10.17 -14.27
N VAL A 84 -6.94 11.27 -15.02
CA VAL A 84 -6.36 12.50 -14.47
C VAL A 84 -7.37 13.11 -13.47
N SER A 85 -8.67 13.13 -13.80
CA SER A 85 -9.69 13.63 -12.86
C SER A 85 -9.66 12.84 -11.53
N GLN A 86 -9.57 11.51 -11.62
CA GLN A 86 -9.51 10.66 -10.42
C GLN A 86 -8.26 10.92 -9.62
N PHE A 87 -7.13 11.15 -10.31
CA PHE A 87 -5.86 11.47 -9.71
C PHE A 87 -5.98 12.77 -8.88
N LEU A 88 -6.67 13.79 -9.42
CA LEU A 88 -6.89 15.03 -8.68
C LEU A 88 -7.84 14.84 -7.52
N THR A 89 -8.92 14.05 -7.72
CA THR A 89 -9.92 13.75 -6.68
C THR A 89 -9.20 13.03 -5.49
N GLU A 90 -8.29 12.10 -5.79
CA GLU A 90 -7.50 11.39 -4.78
C GLU A 90 -6.53 12.33 -4.05
N GLY A 91 -5.91 13.25 -4.78
CA GLY A 91 -5.01 14.23 -4.19
C GLY A 91 -5.70 15.07 -3.14
N ILE A 92 -6.97 15.45 -3.38
CA ILE A 92 -7.75 16.23 -2.41
C ILE A 92 -8.02 15.42 -1.14
N ILE A 93 -8.43 14.16 -1.31
CA ILE A 93 -8.65 13.24 -0.19
C ILE A 93 -7.39 13.04 0.64
N MET A 94 -6.28 12.67 -0.01
CA MET A 94 -5.02 12.31 0.66
C MET A 94 -4.31 13.47 1.31
N LYS A 95 -4.45 14.68 0.75
CA LYS A 95 -3.80 15.86 1.32
C LYS A 95 -4.19 16.10 2.78
N ASP A 96 -5.41 15.70 3.17
CA ASP A 96 -5.92 15.87 4.52
C ASP A 96 -5.46 14.83 5.53
N PHE A 97 -4.84 13.75 5.08
CA PHE A 97 -4.42 12.70 6.00
C PHE A 97 -3.17 13.09 6.78
N SER A 98 -3.19 12.79 8.09
CA SER A 98 -2.06 13.08 8.96
C SER A 98 -2.00 12.02 10.05
N HIS A 99 -1.12 11.05 9.87
CA HIS A 99 -0.94 9.99 10.86
C HIS A 99 0.49 9.48 10.75
N PRO A 100 1.15 9.18 11.88
CA PRO A 100 2.56 8.71 11.78
C PRO A 100 2.77 7.39 11.04
N ASN A 101 1.72 6.61 10.83
CA ASN A 101 1.83 5.35 10.10
C ASN A 101 1.17 5.38 8.72
N VAL A 102 0.94 6.58 8.19
CA VAL A 102 0.39 6.79 6.85
C VAL A 102 1.35 7.73 6.15
N LEU A 103 1.80 7.36 4.94
CA LEU A 103 2.69 8.24 4.18
C LEU A 103 1.96 9.53 3.81
N SER A 104 2.59 10.71 4.10
CA SER A 104 1.97 11.99 3.77
C SER A 104 2.04 12.27 2.30
N LEU A 105 1.09 13.04 1.81
CA LEU A 105 1.14 13.55 0.46
C LEU A 105 1.68 14.98 0.58
N LEU A 106 2.90 15.24 0.10
CA LEU A 106 3.44 16.61 0.11
C LEU A 106 2.70 17.47 -0.93
N GLY A 107 2.37 16.88 -2.07
CA GLY A 107 1.65 17.59 -3.11
C GLY A 107 1.71 16.88 -4.44
N ILE A 108 1.13 17.50 -5.47
CA ILE A 108 1.09 16.95 -6.81
C ILE A 108 1.51 18.03 -7.83
N CYS A 109 1.93 17.56 -9.01
CA CYS A 109 2.30 18.42 -10.15
C CYS A 109 1.53 18.02 -11.36
N LEU A 110 0.93 19.00 -12.06
CA LEU A 110 0.20 18.72 -13.29
C LEU A 110 0.94 19.23 -14.55
N ARG A 111 2.00 20.04 -14.39
CA ARG A 111 2.77 20.55 -15.53
C ARG A 111 4.26 20.65 -15.20
N SER A 115 3.74 12.26 -16.86
CA SER A 115 3.82 13.71 -16.68
C SER A 115 3.26 14.18 -15.32
N PRO A 116 2.05 13.75 -14.86
CA PRO A 116 1.61 14.17 -13.51
C PRO A 116 2.53 13.54 -12.46
N LEU A 117 2.89 14.28 -11.41
CA LEU A 117 3.78 13.79 -10.38
C LEU A 117 3.12 13.75 -9.02
N VAL A 118 3.50 12.78 -8.19
CA VAL A 118 3.06 12.70 -6.82
C VAL A 118 4.31 12.96 -5.99
N VAL A 119 4.28 13.94 -5.09
CA VAL A 119 5.45 14.28 -4.26
C VAL A 119 5.22 13.74 -2.85
N LEU A 120 6.10 12.86 -2.44
CA LEU A 120 6.00 12.18 -1.14
C LEU A 120 7.25 12.43 -0.30
N PRO A 121 7.18 12.28 1.03
CA PRO A 121 8.39 12.41 1.85
C PRO A 121 9.39 11.28 1.54
N TYR A 122 10.68 11.57 1.65
CA TYR A 122 11.73 10.58 1.41
C TYR A 122 11.75 9.56 2.54
N MET A 123 11.81 8.27 2.19
CA MET A 123 11.81 7.18 3.15
C MET A 123 13.13 6.45 3.04
N LYS A 124 14.07 6.79 3.91
CA LYS A 124 15.42 6.23 3.94
C LYS A 124 15.53 4.72 3.76
N HIS A 125 14.72 3.93 4.50
CA HIS A 125 14.87 2.50 4.45
C HIS A 125 13.98 1.78 3.41
N GLY A 126 13.39 2.55 2.50
CA GLY A 126 12.62 2.02 1.38
C GLY A 126 11.38 1.24 1.72
N ASP A 127 10.98 0.35 0.81
CA ASP A 127 9.80 -0.47 1.01
C ASP A 127 10.05 -1.60 2.01
N LEU A 128 9.00 -1.92 2.77
CA LEU A 128 9.03 -2.88 3.84
C LEU A 128 9.40 -4.30 3.38
N ARG A 129 8.92 -4.72 2.21
CA ARG A 129 9.23 -6.06 1.71
C ARG A 129 10.72 -6.27 1.46
N ASN A 130 11.36 -5.32 0.75
CA ASN A 130 12.80 -5.41 0.51
C ASN A 130 13.61 -5.27 1.80
N PHE A 131 13.14 -4.44 2.73
CA PHE A 131 13.77 -4.24 4.05
C PHE A 131 13.84 -5.57 4.83
N ILE A 132 12.71 -6.28 4.95
CA ILE A 132 12.69 -7.51 5.73
C ILE A 132 13.41 -8.65 5.02
N ARG A 133 13.53 -8.60 3.68
CA ARG A 133 14.29 -9.59 2.91
C ARG A 133 15.81 -9.31 2.94
N ASN A 134 16.23 -8.09 3.37
CA ASN A 134 17.62 -7.64 3.43
C ASN A 134 18.46 -8.41 4.47
N GLU A 135 19.60 -8.97 4.04
CA GLU A 135 20.50 -9.76 4.89
C GLU A 135 21.17 -8.98 6.03
N THR A 136 21.56 -7.72 5.78
CA THR A 136 22.21 -6.92 6.83
C THR A 136 21.24 -6.49 7.94
N HIS A 137 20.08 -5.90 7.56
CA HIS A 137 19.08 -5.43 8.51
C HIS A 137 18.65 -6.50 9.50
N ASN A 138 18.31 -7.69 9.01
CA ASN A 138 17.91 -8.83 9.85
C ASN A 138 16.99 -8.48 11.05
N PRO A 139 15.74 -7.99 10.81
CA PRO A 139 14.87 -7.66 11.95
C PRO A 139 14.47 -8.90 12.73
N THR A 140 14.35 -8.77 14.06
CA THR A 140 13.90 -9.87 14.91
C THR A 140 12.39 -10.12 14.75
N VAL A 141 11.85 -11.23 15.30
CA VAL A 141 10.41 -11.51 15.28
C VAL A 141 9.66 -10.37 15.99
N LYS A 142 10.19 -9.87 17.12
CA LYS A 142 9.55 -8.78 17.86
C LYS A 142 9.47 -7.52 17.02
N ASP A 143 10.56 -7.17 16.30
CA ASP A 143 10.61 -6.00 15.40
C ASP A 143 9.55 -6.15 14.32
N LEU A 144 9.39 -7.37 13.76
CA LEU A 144 8.45 -7.65 12.68
C LEU A 144 6.99 -7.53 13.17
N ILE A 145 6.73 -7.97 14.42
CA ILE A 145 5.40 -7.80 15.03
C ILE A 145 5.16 -6.30 15.26
N GLY A 146 6.21 -5.56 15.65
CA GLY A 146 6.11 -4.12 15.81
C GLY A 146 5.75 -3.43 14.50
N PHE A 147 6.32 -3.88 13.39
CA PHE A 147 6.02 -3.31 12.05
C PHE A 147 4.55 -3.60 11.70
N GLY A 148 4.08 -4.80 12.01
CA GLY A 148 2.69 -5.20 11.78
C GLY A 148 1.72 -4.34 12.57
N LEU A 149 2.06 -4.04 13.83
CA LEU A 149 1.22 -3.18 14.69
C LEU A 149 1.16 -1.75 14.12
N GLN A 150 2.29 -1.24 13.62
CA GLN A 150 2.33 0.08 13.00
C GLN A 150 1.45 0.11 11.76
N VAL A 151 1.48 -0.94 10.92
CA VAL A 151 0.60 -1.00 9.75
C VAL A 151 -0.87 -0.99 10.19
N ALA A 152 -1.20 -1.78 11.25
CA ALA A 152 -2.58 -1.83 11.74
C ALA A 152 -3.04 -0.45 12.24
N LYS A 153 -2.13 0.35 12.85
CA LYS A 153 -2.47 1.70 13.31
C LYS A 153 -2.73 2.65 12.15
N GLY A 154 -1.95 2.53 11.09
CA GLY A 154 -2.14 3.35 9.89
C GLY A 154 -3.45 2.99 9.22
N MET A 155 -3.77 1.69 9.17
CA MET A 155 -5.04 1.23 8.59
C MET A 155 -6.25 1.57 9.46
N LYS A 156 -6.08 1.61 10.80
CA LYS A 156 -7.17 2.03 11.69
C LYS A 156 -7.53 3.49 11.41
N TYR A 157 -6.52 4.32 11.19
CA TYR A 157 -6.69 5.71 10.82
C TYR A 157 -7.40 5.82 9.45
N LEU A 158 -6.95 5.08 8.42
CA LEU A 158 -7.56 5.14 7.09
C LEU A 158 -9.00 4.63 7.11
N ALA A 159 -9.28 3.57 7.89
CA ALA A 159 -10.64 3.03 8.02
C ALA A 159 -11.54 4.08 8.67
N SER A 160 -11.01 4.88 9.63
CA SER A 160 -11.77 5.95 10.31
C SER A 160 -12.13 7.06 9.33
N LYS A 161 -11.34 7.27 8.27
CA LYS A 161 -11.62 8.25 7.23
C LYS A 161 -12.40 7.63 6.05
N LYS A 162 -12.87 6.38 6.18
CA LYS A 162 -13.60 5.63 5.14
C LYS A 162 -12.77 5.51 3.86
N PHE A 163 -11.46 5.34 4.01
CA PHE A 163 -10.54 5.23 2.89
C PHE A 163 -10.16 3.75 2.70
N VAL A 164 -10.54 3.17 1.56
CA VAL A 164 -10.24 1.78 1.26
C VAL A 164 -8.91 1.76 0.48
N HIS A 165 -7.89 1.06 0.99
CA HIS A 165 -6.57 0.99 0.33
C HIS A 165 -6.65 0.25 -1.03
N ARG A 166 -7.24 -0.98 -1.03
CA ARG A 166 -7.40 -1.88 -2.18
C ARG A 166 -6.15 -2.70 -2.51
N ASP A 167 -4.94 -2.27 -2.09
CA ASP A 167 -3.72 -3.07 -2.36
C ASP A 167 -2.73 -3.05 -1.19
N LEU A 168 -3.20 -3.36 0.01
CA LEU A 168 -2.33 -3.36 1.18
C LEU A 168 -1.42 -4.59 1.10
N ALA A 169 -0.10 -4.35 1.09
CA ALA A 169 0.92 -5.39 0.96
C ALA A 169 2.24 -4.82 1.49
N ALA A 170 3.18 -5.67 1.93
CA ALA A 170 4.47 -5.17 2.43
C ALA A 170 5.22 -4.34 1.39
N ARG A 171 5.10 -4.68 0.11
CA ARG A 171 5.74 -3.91 -0.97
C ARG A 171 5.19 -2.48 -1.03
N ASN A 172 4.00 -2.22 -0.49
CA ASN A 172 3.40 -0.87 -0.51
C ASN A 172 3.58 -0.09 0.78
N CYS A 173 4.33 -0.60 1.76
CA CYS A 173 4.62 0.12 3.00
C CYS A 173 6.05 0.58 2.95
N MET A 174 6.37 1.75 3.52
CA MET A 174 7.73 2.28 3.48
C MET A 174 8.27 2.56 4.88
N LEU A 175 9.60 2.63 5.05
CA LEU A 175 10.20 2.87 6.36
C LEU A 175 11.04 4.14 6.33
N ASP A 176 10.88 5.00 7.33
CA ASP A 176 11.69 6.22 7.40
C ASP A 176 13.01 5.94 8.18
N GLU A 177 13.82 6.99 8.45
CA GLU A 177 15.10 6.87 9.16
C GLU A 177 14.97 6.36 10.59
N LYS A 178 13.79 6.50 11.21
CA LYS A 178 13.56 5.96 12.56
C LYS A 178 12.90 4.58 12.54
N PHE A 179 12.79 3.94 11.36
CA PHE A 179 12.15 2.65 11.16
C PHE A 179 10.64 2.69 11.45
N THR A 180 10.02 3.86 11.24
CA THR A 180 8.58 4.03 11.38
C THR A 180 7.97 3.58 10.05
N VAL A 181 7.02 2.65 10.11
CA VAL A 181 6.37 2.15 8.91
C VAL A 181 5.24 3.06 8.51
N LYS A 182 5.16 3.37 7.21
CA LYS A 182 4.11 4.21 6.67
C LYS A 182 3.37 3.48 5.54
N VAL A 183 2.06 3.34 5.68
CA VAL A 183 1.20 2.74 4.66
C VAL A 183 1.23 3.68 3.43
N ALA A 184 1.41 3.13 2.23
CA ALA A 184 1.56 3.93 1.02
C ALA A 184 1.07 3.08 -0.23
N ASP A 185 1.39 3.48 -1.48
CA ASP A 185 1.06 2.70 -2.66
C ASP A 185 2.10 3.02 -3.74
N PHE A 186 2.84 2.00 -4.19
CA PHE A 186 3.77 2.18 -5.31
C PHE A 186 3.04 2.03 -6.67
N GLY A 187 1.82 1.49 -6.68
CA GLY A 187 1.02 1.41 -7.89
C GLY A 187 0.06 2.60 -7.92
N LEU A 188 -1.16 2.40 -8.44
CA LEU A 188 -2.22 3.40 -8.48
C LEU A 188 -3.52 2.62 -8.24
N ALA A 189 -3.58 1.96 -7.09
CA ALA A 189 -4.68 1.07 -6.74
C ALA A 189 -6.06 1.69 -6.78
N ARG A 190 -6.18 2.99 -6.46
CA ARG A 190 -7.49 3.66 -6.49
C ARG A 190 -7.77 4.44 -7.78
N VAL A 191 -6.80 4.58 -8.67
CA VAL A 191 -7.04 5.28 -9.95
C VAL A 191 -7.18 4.24 -11.07
N MET A 192 -6.34 3.21 -11.04
CA MET A 192 -6.27 2.17 -12.06
C MET A 192 -6.89 0.83 -11.66
N TYR A 193 -7.87 0.84 -10.75
CA TYR A 193 -8.53 -0.37 -10.24
C TYR A 193 -9.17 -1.26 -11.33
N ASP A 194 -9.59 -0.67 -12.45
CA ASP A 194 -10.19 -1.41 -13.56
C ASP A 194 -9.16 -1.97 -14.57
N LYS A 195 -7.86 -1.70 -14.37
CA LYS A 195 -6.84 -2.17 -15.30
C LYS A 195 -6.49 -3.65 -15.08
N GLU A 196 -5.98 -4.29 -16.15
CA GLU A 196 -5.58 -5.70 -16.14
C GLU A 196 -4.63 -6.06 -15.02
N TYR A 197 -3.72 -5.15 -14.62
CA TYR A 197 -2.74 -5.36 -13.55
C TYR A 197 -3.37 -5.81 -12.24
N TYR A 198 -4.57 -5.30 -11.92
CA TYR A 198 -5.25 -5.64 -10.65
C TYR A 198 -6.21 -6.84 -10.76
N SER A 199 -6.13 -7.59 -11.88
CA SER A 199 -6.97 -8.74 -12.16
C SER A 199 -6.11 -10.02 -12.27
N VAL A 200 -6.76 -11.18 -12.37
CA VAL A 200 -6.10 -12.48 -12.48
C VAL A 200 -5.21 -12.64 -13.73
N HIS A 201 -5.38 -11.76 -14.74
CA HIS A 201 -4.56 -11.82 -15.95
C HIS A 201 -3.10 -11.40 -15.69
N ASN A 202 -2.84 -10.63 -14.61
CA ASN A 202 -1.49 -10.30 -14.23
C ASN A 202 -1.00 -11.57 -13.52
N LYS A 203 -0.39 -12.49 -14.28
CA LYS A 203 0.08 -13.78 -13.77
C LYS A 203 1.61 -13.88 -13.66
N THR A 204 2.35 -12.85 -14.08
CA THR A 204 3.82 -12.87 -14.06
C THR A 204 4.37 -11.74 -13.18
N GLY A 205 5.52 -11.99 -12.55
CA GLY A 205 6.18 -11.02 -11.68
C GLY A 205 5.97 -11.32 -10.21
N ALA A 206 6.71 -10.62 -9.32
CA ALA A 206 6.54 -10.82 -7.87
C ALA A 206 5.30 -10.09 -7.37
N LYS A 207 5.08 -8.87 -7.88
CA LYS A 207 3.91 -8.09 -7.48
C LYS A 207 2.69 -8.65 -8.22
N LEU A 208 1.99 -9.58 -7.59
CA LEU A 208 0.80 -10.17 -8.15
C LEU A 208 -0.31 -9.74 -7.19
N PRO A 209 -0.96 -8.58 -7.43
CA PRO A 209 -1.96 -8.08 -6.47
C PRO A 209 -3.07 -9.04 -6.08
N VAL A 210 -3.46 -9.94 -6.98
CA VAL A 210 -4.52 -10.92 -6.76
C VAL A 210 -4.24 -11.84 -5.53
N LYS A 211 -2.96 -12.04 -5.17
CA LYS A 211 -2.62 -12.87 -4.02
C LYS A 211 -2.78 -12.16 -2.66
N TRP A 212 -3.16 -10.89 -2.65
CA TRP A 212 -3.51 -10.15 -1.42
C TRP A 212 -5.02 -9.85 -1.34
N MET A 213 -5.78 -10.19 -2.38
CA MET A 213 -7.18 -9.88 -2.43
C MET A 213 -8.05 -10.81 -1.63
N ALA A 214 -9.08 -10.22 -0.97
CA ALA A 214 -10.07 -10.99 -0.24
C ALA A 214 -10.85 -11.84 -1.23
N LEU A 215 -11.41 -12.94 -0.75
CA LEU A 215 -12.23 -13.83 -1.54
C LEU A 215 -13.36 -13.11 -2.32
N GLU A 216 -14.13 -12.22 -1.66
CA GLU A 216 -15.19 -11.48 -2.35
C GLU A 216 -14.65 -10.47 -3.37
N SER A 217 -13.45 -9.91 -3.13
CA SER A 217 -12.84 -9.00 -4.09
C SER A 217 -12.45 -9.77 -5.34
N LEU A 218 -11.94 -11.00 -5.19
CA LEU A 218 -11.58 -11.87 -6.31
C LEU A 218 -12.81 -12.24 -7.15
N GLN A 219 -13.96 -12.45 -6.50
CA GLN A 219 -15.17 -12.84 -7.19
C GLN A 219 -16.03 -11.71 -7.76
N THR A 220 -16.17 -10.59 -7.04
CA THR A 220 -17.05 -9.50 -7.48
C THR A 220 -16.39 -8.16 -7.68
N GLN A 221 -15.06 -8.05 -7.50
CA GLN A 221 -14.30 -6.79 -7.65
C GLN A 221 -14.75 -5.69 -6.67
N LYS A 222 -15.40 -6.07 -5.59
CA LYS A 222 -15.86 -5.17 -4.54
C LYS A 222 -14.78 -5.11 -3.47
N PHE A 223 -14.33 -3.89 -3.14
CA PHE A 223 -13.30 -3.69 -2.14
C PHE A 223 -13.86 -2.77 -1.06
N THR A 224 -13.73 -3.20 0.19
CA THR A 224 -14.19 -2.48 1.36
C THR A 224 -13.05 -2.51 2.41
N THR A 225 -13.28 -1.86 3.57
CA THR A 225 -12.34 -1.95 4.68
C THR A 225 -12.18 -3.42 5.14
N LYS A 226 -13.25 -4.23 5.04
CA LYS A 226 -13.16 -5.66 5.39
C LYS A 226 -12.28 -6.46 4.44
N SER A 227 -12.23 -6.08 3.16
CA SER A 227 -11.30 -6.75 2.24
C SER A 227 -9.86 -6.26 2.49
N ASP A 228 -9.66 -5.00 2.98
CA ASP A 228 -8.32 -4.55 3.37
C ASP A 228 -7.83 -5.38 4.62
N VAL A 229 -8.76 -5.79 5.49
CA VAL A 229 -8.44 -6.63 6.65
C VAL A 229 -7.87 -7.96 6.17
N TRP A 230 -8.45 -8.57 5.11
CA TRP A 230 -7.89 -9.79 4.52
C TRP A 230 -6.42 -9.53 4.06
N SER A 231 -6.19 -8.46 3.29
CA SER A 231 -4.85 -8.10 2.82
C SER A 231 -3.89 -7.91 3.97
N PHE A 232 -4.36 -7.31 5.08
CA PHE A 232 -3.55 -7.10 6.27
C PHE A 232 -3.08 -8.43 6.84
N GLY A 233 -3.94 -9.45 6.81
CA GLY A 233 -3.54 -10.80 7.24
C GLY A 233 -2.40 -11.34 6.38
N VAL A 234 -2.47 -11.17 5.05
CA VAL A 234 -1.41 -11.60 4.12
C VAL A 234 -0.14 -10.81 4.44
N LEU A 235 -0.26 -9.50 4.67
CA LEU A 235 0.88 -8.66 5.04
C LEU A 235 1.52 -9.18 6.36
N LEU A 236 0.72 -9.55 7.38
CA LEU A 236 1.29 -10.12 8.62
C LEU A 236 2.08 -11.41 8.31
N TRP A 237 1.57 -12.23 7.39
CA TRP A 237 2.23 -13.47 6.95
C TRP A 237 3.56 -13.15 6.26
N GLU A 238 3.61 -12.09 5.43
CA GLU A 238 4.84 -11.65 4.79
C GLU A 238 5.85 -11.21 5.85
N LEU A 239 5.40 -10.49 6.89
CA LEU A 239 6.31 -10.06 7.95
C LEU A 239 6.90 -11.28 8.68
N MET A 240 6.07 -12.28 9.00
CA MET A 240 6.52 -13.46 9.75
C MET A 240 7.41 -14.39 8.92
N THR A 241 7.31 -14.34 7.57
CA THR A 241 8.20 -15.14 6.72
C THR A 241 9.39 -14.31 6.21
N ARG A 242 9.54 -13.04 6.65
CA ARG A 242 10.60 -12.14 6.20
C ARG A 242 10.57 -11.93 4.70
N GLY A 243 9.37 -11.76 4.17
CA GLY A 243 9.20 -11.43 2.76
C GLY A 243 9.07 -12.56 1.76
N ALA A 244 8.59 -13.74 2.17
CA ALA A 244 8.36 -14.83 1.22
C ALA A 244 7.15 -14.47 0.33
N PRO A 245 7.17 -14.89 -0.94
CA PRO A 245 5.99 -14.65 -1.79
C PRO A 245 4.86 -15.59 -1.37
N PRO A 246 3.64 -15.05 -1.19
CA PRO A 246 2.53 -15.91 -0.77
C PRO A 246 2.03 -16.85 -1.84
N TYR A 247 1.61 -18.07 -1.47
CA TYR A 247 1.09 -19.10 -2.40
C TYR A 247 2.05 -19.32 -3.61
N PRO A 248 3.35 -19.63 -3.37
CA PRO A 248 4.29 -19.77 -4.49
C PRO A 248 3.90 -20.82 -5.52
N ASP A 249 3.24 -21.89 -5.07
CA ASP A 249 2.83 -22.96 -5.96
C ASP A 249 1.37 -22.88 -6.43
N VAL A 250 0.73 -21.71 -6.28
CA VAL A 250 -0.66 -21.53 -6.71
C VAL A 250 -0.70 -20.43 -7.76
N ASN A 251 -1.16 -20.74 -8.97
CA ASN A 251 -1.25 -19.77 -10.05
C ASN A 251 -2.32 -18.72 -9.76
N THR A 252 -2.18 -17.54 -10.36
CA THR A 252 -3.14 -16.45 -10.20
C THR A 252 -4.55 -16.88 -10.69
N PHE A 253 -4.63 -17.79 -11.68
CA PHE A 253 -5.92 -18.29 -12.16
C PHE A 253 -6.55 -19.31 -11.22
N ASP A 254 -5.77 -19.90 -10.30
CA ASP A 254 -6.24 -20.91 -9.37
C ASP A 254 -6.45 -20.43 -7.92
N ILE A 255 -5.97 -19.23 -7.57
CA ILE A 255 -6.08 -18.69 -6.21
C ILE A 255 -7.55 -18.61 -5.70
N THR A 256 -8.51 -18.21 -6.56
CA THR A 256 -9.92 -18.10 -6.14
C THR A 256 -10.47 -19.43 -5.62
N VAL A 257 -10.33 -20.51 -6.42
CA VAL A 257 -10.82 -21.84 -6.06
C VAL A 257 -10.06 -22.40 -4.85
N TYR A 258 -8.74 -22.11 -4.76
CA TYR A 258 -7.90 -22.53 -3.64
C TYR A 258 -8.45 -21.98 -2.32
N LEU A 259 -8.83 -20.69 -2.32
CA LEU A 259 -9.38 -20.01 -1.16
C LEU A 259 -10.79 -20.43 -0.85
N LEU A 260 -11.61 -20.66 -1.87
CA LEU A 260 -12.99 -21.14 -1.75
C LEU A 260 -13.04 -22.51 -1.09
N GLN A 261 -12.06 -23.36 -1.36
CA GLN A 261 -11.99 -24.67 -0.73
C GLN A 261 -11.49 -24.63 0.73
N GLY A 262 -11.19 -23.45 1.26
CA GLY A 262 -10.76 -23.32 2.65
C GLY A 262 -9.28 -23.45 2.89
N ARG A 263 -8.46 -23.47 1.82
CA ARG A 263 -7.02 -23.53 2.00
C ARG A 263 -6.49 -22.12 2.31
N ARG A 264 -5.49 -22.03 3.17
CA ARG A 264 -4.92 -20.76 3.57
C ARG A 264 -3.39 -20.81 3.58
N LEU A 265 -2.74 -19.62 3.74
CA LEU A 265 -1.29 -19.56 3.95
C LEU A 265 -1.00 -20.25 5.29
N LEU A 266 0.04 -21.11 5.30
CA LEU A 266 0.38 -21.89 6.50
C LEU A 266 1.12 -21.06 7.52
N GLN A 267 1.11 -21.51 8.79
CA GLN A 267 1.78 -20.78 9.86
C GLN A 267 3.28 -20.77 9.68
N PRO A 268 3.88 -19.58 9.58
CA PRO A 268 5.35 -19.51 9.45
C PRO A 268 6.04 -20.04 10.69
N GLU A 269 7.26 -20.55 10.50
CA GLU A 269 8.07 -21.14 11.56
C GLU A 269 8.22 -20.24 12.79
N TYR A 270 8.56 -18.96 12.58
CA TYR A 270 8.77 -18.05 13.72
C TYR A 270 7.51 -17.33 14.22
N CYS A 271 6.36 -17.59 13.61
CA CYS A 271 5.09 -16.91 13.96
C CYS A 271 4.46 -17.42 15.25
N PRO A 272 4.27 -16.56 16.27
CA PRO A 272 3.62 -17.03 17.51
C PRO A 272 2.19 -17.46 17.22
N ASP A 273 1.72 -18.53 17.89
CA ASP A 273 0.36 -19.04 17.70
C ASP A 273 -0.73 -17.96 17.80
N PRO A 274 -0.72 -16.99 18.76
CA PRO A 274 -1.79 -15.99 18.79
C PRO A 274 -1.80 -15.09 17.58
N LEU A 275 -0.65 -14.88 16.92
CA LEU A 275 -0.60 -14.09 15.69
C LEU A 275 -1.17 -14.83 14.47
N TYR A 276 -0.96 -16.17 14.39
CA TYR A 276 -1.56 -16.95 13.30
C TYR A 276 -3.09 -16.99 13.50
N GLU A 277 -3.58 -17.03 14.77
CA GLU A 277 -5.01 -16.96 15.07
C GLU A 277 -5.61 -15.68 14.48
N VAL A 278 -4.87 -14.56 14.61
CA VAL A 278 -5.25 -13.27 14.03
C VAL A 278 -5.36 -13.37 12.53
N MET A 279 -4.32 -13.95 11.85
CA MET A 279 -4.31 -14.12 10.40
C MET A 279 -5.53 -14.91 9.92
N LEU A 280 -5.85 -16.04 10.60
CA LEU A 280 -7.00 -16.85 10.19
C LEU A 280 -8.30 -16.08 10.34
N LYS A 281 -8.41 -15.24 11.36
CA LYS A 281 -9.59 -14.39 11.55
C LYS A 281 -9.66 -13.32 10.44
N CYS A 282 -8.51 -12.79 9.95
CA CYS A 282 -8.49 -11.81 8.83
C CYS A 282 -8.95 -12.47 7.55
N TRP A 283 -8.68 -13.78 7.39
CA TRP A 283 -9.04 -14.50 6.18
C TRP A 283 -10.37 -15.21 6.30
N HIS A 284 -11.29 -14.70 7.13
CA HIS A 284 -12.60 -15.33 7.29
C HIS A 284 -13.35 -15.28 5.95
N PRO A 285 -13.98 -16.37 5.49
CA PRO A 285 -14.72 -16.32 4.21
C PRO A 285 -15.86 -15.28 4.24
N LYS A 286 -16.42 -14.98 5.43
CA LYS A 286 -17.46 -13.96 5.54
C LYS A 286 -16.83 -12.64 5.97
N ALA A 287 -16.84 -11.65 5.07
CA ALA A 287 -16.28 -10.32 5.33
C ALA A 287 -16.78 -9.69 6.63
N GLU A 288 -18.07 -9.83 6.92
CA GLU A 288 -18.64 -9.26 8.14
C GLU A 288 -18.10 -9.90 9.42
N MET A 289 -17.57 -11.12 9.34
CA MET A 289 -17.02 -11.79 10.53
C MET A 289 -15.55 -11.44 10.81
N ARG A 290 -14.88 -10.75 9.90
CA ARG A 290 -13.46 -10.38 10.09
C ARG A 290 -13.34 -9.32 11.18
N PRO A 291 -12.22 -9.27 11.93
CA PRO A 291 -12.08 -8.18 12.93
C PRO A 291 -11.91 -6.81 12.26
N SER A 292 -12.20 -5.72 12.98
CA SER A 292 -11.95 -4.38 12.46
C SER A 292 -10.45 -4.06 12.68
N PHE A 293 -9.95 -3.00 12.05
CA PHE A 293 -8.59 -2.55 12.28
C PHE A 293 -8.39 -2.10 13.74
N SER A 294 -9.44 -1.55 14.37
CA SER A 294 -9.38 -1.14 15.77
C SER A 294 -9.18 -2.36 16.69
N GLU A 295 -9.88 -3.45 16.40
CA GLU A 295 -9.71 -4.70 17.13
C GLU A 295 -8.32 -5.29 16.88
N LEU A 296 -7.84 -5.18 15.65
CA LEU A 296 -6.51 -5.68 15.30
C LEU A 296 -5.41 -4.95 16.05
N VAL A 297 -5.52 -3.63 16.19
CA VAL A 297 -4.54 -2.84 16.96
C VAL A 297 -4.53 -3.30 18.42
N SER A 298 -5.72 -3.42 19.06
CA SER A 298 -5.79 -3.87 20.47
C SER A 298 -5.11 -5.24 20.66
N ARG A 299 -5.46 -6.18 19.80
CA ARG A 299 -4.98 -7.55 19.86
C ARG A 299 -3.46 -7.65 19.62
N ILE A 300 -2.97 -6.97 18.58
CA ILE A 300 -1.57 -7.01 18.25
C ILE A 300 -0.75 -6.26 19.30
N SER A 301 -1.28 -5.15 19.87
CA SER A 301 -0.57 -4.42 20.94
C SER A 301 -0.41 -5.33 22.16
N ALA A 302 -1.43 -6.14 22.47
CA ALA A 302 -1.36 -7.04 23.63
C ALA A 302 -0.32 -8.15 23.39
N ILE A 303 -0.24 -8.69 22.17
CA ILE A 303 0.76 -9.71 21.85
C ILE A 303 2.18 -9.11 21.92
N PHE A 304 2.35 -7.90 21.35
CA PHE A 304 3.62 -7.19 21.31
C PHE A 304 4.12 -6.78 22.71
N SER A 305 3.23 -6.30 23.57
CA SER A 305 3.61 -5.80 24.88
C SER A 305 4.09 -6.89 25.84
N THR A 306 3.64 -8.14 25.65
CA THR A 306 4.10 -9.23 26.51
C THR A 306 5.14 -10.16 25.81
N PHE A 307 5.65 -9.73 24.65
CA PHE A 307 6.57 -10.50 23.82
C PHE A 307 8.00 -10.38 24.30
N ILE A 308 8.68 -11.52 24.45
CA ILE A 308 10.06 -11.54 24.89
C ILE A 308 10.88 -12.01 23.71
N GLY A 309 11.67 -11.11 23.15
CA GLY A 309 12.52 -11.45 22.01
C GLY A 309 13.37 -10.24 21.64
C1 W3W B . 0.29 8.18 -0.38
C2 W3W B . -0.62 7.10 0.20
C3 W3W B . -0.69 6.83 1.56
C7 W3W B . -1.42 6.35 -0.67
C8 W3W B . -3.09 4.56 -1.15
C9 W3W B . -3.97 3.55 -0.90
C10 W3W B . -4.00 3.83 -3.01
C11 W3W B . -0.42 8.69 -2.69
C12 W3W B . -0.40 8.55 -4.04
C13 W3W B . 0.53 7.58 -4.60
C14 W3W B . 1.29 7.06 -2.30
C15 W3W B . -1.31 9.35 -4.87
C16 W3W B . -1.46 10.72 -4.62
C19 W3W B . -2.90 9.54 -6.63
C20 W3W B . -2.06 8.76 -5.89
N W3W B . -4.53 3.09 -2.05
C W3W B . -0.06 9.62 -0.01
O W3W B . 0.66 7.33 -5.81
N1 W3W B . -3.14 4.74 -2.51
O1 W3W B . 2.01 6.41 -1.56
N2 W3W B . 0.39 7.99 -1.84
N3 W3W B . 1.31 6.90 -3.67
C4 W3W B . -1.53 5.83 2.03
C5 W3W B . -2.31 5.10 1.15
C6 W3W B . -2.26 5.36 -0.21
C17 W3W B . -2.33 11.43 -5.41
C18 W3W B . -3.08 10.89 -6.43
F W3W B . -3.61 8.96 -7.63
F1 W3W B . -2.47 12.76 -5.16
#